data_1H6F
#
_entry.id   1H6F
#
_cell.length_a   39.040
_cell.length_b   104.910
_cell.length_c   125.310
_cell.angle_alpha   90.00
_cell.angle_beta   90.00
_cell.angle_gamma   90.00
#
_symmetry.space_group_name_H-M   'P 21 21 21'
#
loop_
_entity.id
_entity.type
_entity.pdbx_description
1 polymer 'T-BOX TRANSCRIPTION FACTOR TBX3'
2 polymer "5'-D(*TP*AP*AP*TP*TP*TP*CP*AP*CP*AP*CP*CP*TP* AP*GP*GP*TP*GP*TP*GP*AP*AP*AP*T)-3'"
3 non-polymer 'MAGNESIUM ION'
4 water water
#
loop_
_entity_poly.entity_id
_entity_poly.type
_entity_poly.pdbx_seq_one_letter_code
_entity_poly.pdbx_strand_id
1 'polypeptide(L)'
;MKDDPKVHLEAKELWDQFHKRGTEMVITKSGRRMFPPFKVRCSGLDKKAKYILLMDIIAADDCRYKFHNSRWMVAGKADP
EMPKRMYIHPDSPATGEQWMSKVVTFHKLKLTNNISDKHGFTILNSMHKYQPRFHIVRANDILKLPYSTFRTYLFPETEF
IAVTAYQNDKITQLKIDNNPFAKGFRDTGNGRR
;
A,B
2 'polydeoxyribonucleotide'
;(DT)(DA)(DA)(DT)(DT)(DT)(DC)(DA)(DC)(DA)(DC)(DC)(DT)(DA)(DG)(DG)(DT)(DG)(DT)(DG)
(DA)(DA)(DA)(DT)
;
C,D
#
loop_
_chem_comp.id
_chem_comp.type
_chem_comp.name
_chem_comp.formula
DA DNA linking 2'-DEOXYADENOSINE-5'-MONOPHOSPHATE 'C10 H14 N5 O6 P'
DC DNA linking 2'-DEOXYCYTIDINE-5'-MONOPHOSPHATE 'C9 H14 N3 O7 P'
DG DNA linking 2'-DEOXYGUANOSINE-5'-MONOPHOSPHATE 'C10 H14 N5 O7 P'
DT DNA linking THYMIDINE-5'-MONOPHOSPHATE 'C10 H15 N2 O8 P'
MG non-polymer 'MAGNESIUM ION' 'Mg 2'
#
# COMPACT_ATOMS: atom_id res chain seq x y z
N ASP A 4 17.01 5.21 -25.92
CA ASP A 4 15.94 6.17 -25.49
C ASP A 4 14.86 5.37 -24.75
N PRO A 5 14.58 5.75 -23.49
CA PRO A 5 13.55 5.03 -22.75
C PRO A 5 12.22 5.26 -23.45
N LYS A 6 11.40 4.22 -23.51
CA LYS A 6 10.10 4.28 -24.18
C LYS A 6 9.02 3.78 -23.23
N VAL A 7 7.81 4.33 -23.32
CA VAL A 7 6.74 3.86 -22.43
C VAL A 7 5.63 3.33 -23.30
N HIS A 8 5.16 2.15 -22.91
CA HIS A 8 4.12 1.45 -23.63
C HIS A 8 2.81 1.37 -22.83
N LEU A 9 1.69 1.75 -23.43
CA LEU A 9 0.41 1.70 -22.71
C LEU A 9 -0.17 0.27 -22.75
N GLU A 10 -0.47 -0.30 -21.57
CA GLU A 10 -1.08 -1.63 -21.51
C GLU A 10 -2.56 -1.51 -21.85
N ALA A 11 -3.13 -2.59 -22.37
CA ALA A 11 -4.55 -2.65 -22.68
C ALA A 11 -4.98 -1.50 -23.58
N LYS A 12 -4.12 -1.20 -24.54
CA LYS A 12 -4.44 -0.13 -25.46
C LYS A 12 -5.71 -0.34 -26.29
N GLU A 13 -5.97 -1.57 -26.72
CA GLU A 13 -7.19 -1.82 -27.51
C GLU A 13 -8.45 -1.42 -26.73
N LEU A 14 -8.44 -1.67 -25.43
CA LEU A 14 -9.59 -1.28 -24.64
C LEU A 14 -9.65 0.24 -24.48
N TRP A 15 -8.51 0.87 -24.20
CA TRP A 15 -8.53 2.34 -24.09
C TRP A 15 -9.04 2.94 -25.40
N ASP A 16 -8.66 2.35 -26.54
CA ASP A 16 -9.09 2.88 -27.84
C ASP A 16 -10.60 2.78 -27.97
N GLN A 17 -11.21 1.68 -27.50
CA GLN A 17 -12.66 1.58 -27.59
C GLN A 17 -13.36 2.67 -26.78
N PHE A 18 -12.85 2.94 -25.59
CA PHE A 18 -13.47 3.97 -24.77
C PHE A 18 -13.26 5.36 -25.42
N HIS A 19 -12.03 5.62 -25.82
CA HIS A 19 -11.64 6.92 -26.39
C HIS A 19 -12.49 7.27 -27.63
N LYS A 20 -12.71 6.29 -28.48
CA LYS A 20 -13.54 6.50 -29.69
C LYS A 20 -14.96 6.99 -29.35
N ARG A 21 -15.48 6.58 -28.21
CA ARG A 21 -16.83 7.00 -27.82
C ARG A 21 -16.84 8.20 -26.88
N GLY A 22 -15.66 8.58 -26.42
CA GLY A 22 -15.52 9.73 -25.52
C GLY A 22 -15.49 9.20 -24.09
N THR A 23 -14.30 8.93 -23.57
CA THR A 23 -14.21 8.35 -22.25
C THR A 23 -14.76 9.21 -21.13
N GLU A 24 -15.43 8.57 -20.16
CA GLU A 24 -15.93 9.31 -19.00
C GLU A 24 -15.44 8.55 -17.78
N MET A 25 -15.11 9.26 -16.70
CA MET A 25 -14.72 8.59 -15.44
C MET A 25 -15.60 9.18 -14.34
N VAL A 26 -16.30 8.32 -13.59
CA VAL A 26 -17.09 8.78 -12.46
C VAL A 26 -16.20 9.22 -11.29
N ILE A 27 -16.61 10.30 -10.62
CA ILE A 27 -15.91 10.78 -9.44
C ILE A 27 -16.92 10.85 -8.33
N THR A 28 -16.46 10.67 -7.10
CA THR A 28 -17.39 10.67 -5.96
C THR A 28 -16.69 11.27 -4.74
N LYS A 29 -17.46 11.69 -3.73
CA LYS A 29 -16.78 12.25 -2.55
C LYS A 29 -15.81 11.25 -1.97
N SER A 30 -16.24 10.00 -1.81
CA SER A 30 -15.34 9.04 -1.16
C SER A 30 -14.22 8.45 -2.00
N GLY A 31 -14.19 8.82 -3.29
CA GLY A 31 -13.11 8.37 -4.16
C GLY A 31 -13.45 7.21 -5.06
N ARG A 32 -13.29 7.40 -6.37
CA ARG A 32 -13.60 6.38 -7.33
C ARG A 32 -12.33 5.90 -8.07
N ARG A 33 -12.17 4.60 -8.29
CA ARG A 33 -11.05 4.13 -9.09
C ARG A 33 -11.26 4.47 -10.56
N MET A 34 -10.16 4.58 -11.26
CA MET A 34 -10.29 4.78 -12.72
C MET A 34 -10.52 3.42 -13.39
N PHE A 35 -11.35 3.39 -14.43
CA PHE A 35 -11.51 2.19 -15.25
C PHE A 35 -11.67 2.63 -16.69
N PRO A 36 -10.80 2.16 -17.56
CA PRO A 36 -9.70 1.24 -17.27
C PRO A 36 -8.65 1.89 -16.42
N PRO A 37 -7.88 1.04 -15.71
CA PRO A 37 -6.80 1.50 -14.86
C PRO A 37 -5.71 1.94 -15.83
N PHE A 38 -4.87 2.86 -15.41
CA PHE A 38 -3.76 3.35 -16.24
C PHE A 38 -2.55 2.49 -15.88
N LYS A 39 -2.17 1.65 -16.84
CA LYS A 39 -1.02 0.72 -16.67
C LYS A 39 -0.02 0.84 -17.79
N VAL A 40 1.26 0.81 -17.45
CA VAL A 40 2.29 0.91 -18.48
C VAL A 40 3.47 -0.02 -18.25
N ARG A 41 4.23 -0.18 -19.34
CA ARG A 41 5.46 -0.95 -19.35
C ARG A 41 6.55 -0.02 -19.92
N CYS A 42 7.70 0.02 -19.24
CA CYS A 42 8.83 0.84 -19.67
C CYS A 42 9.92 0.00 -20.35
N SER A 43 10.59 0.58 -21.36
CA SER A 43 11.70 -0.12 -22.02
C SER A 43 12.87 0.87 -22.18
N GLY A 44 14.03 0.38 -22.59
CA GLY A 44 15.17 1.26 -22.81
C GLY A 44 15.73 2.09 -21.67
N LEU A 45 15.48 1.66 -20.43
CA LEU A 45 15.99 2.38 -19.27
C LEU A 45 17.40 1.82 -19.04
N ASP A 46 18.29 2.60 -18.43
CA ASP A 46 19.64 2.09 -18.18
C ASP A 46 19.41 1.09 -17.04
N LYS A 47 19.82 -0.15 -17.25
CA LYS A 47 19.58 -1.20 -16.26
C LYS A 47 19.97 -0.93 -14.84
N LYS A 48 21.16 -0.35 -14.63
CA LYS A 48 21.63 -0.08 -13.28
C LYS A 48 21.32 1.27 -12.67
N ALA A 49 20.93 2.25 -13.48
CA ALA A 49 20.62 3.58 -12.96
C ALA A 49 19.32 3.57 -12.17
N LYS A 50 19.24 4.45 -11.19
CA LYS A 50 18.04 4.52 -10.37
C LYS A 50 17.01 5.53 -10.93
N TYR A 51 15.72 5.16 -10.93
CA TYR A 51 14.67 6.07 -11.42
C TYR A 51 13.49 6.11 -10.44
N ILE A 52 12.74 7.20 -10.48
CA ILE A 52 11.54 7.38 -9.67
C ILE A 52 10.42 7.50 -10.71
N LEU A 53 9.37 6.68 -10.57
CA LEU A 53 8.22 6.71 -11.50
C LEU A 53 7.03 7.38 -10.82
N LEU A 54 6.36 8.27 -11.55
CA LEU A 54 5.25 9.01 -10.97
C LEU A 54 4.07 9.15 -11.97
N MET A 55 2.93 9.59 -11.45
CA MET A 55 1.80 9.80 -12.33
C MET A 55 0.95 10.89 -11.72
N ASP A 56 0.33 11.68 -12.58
CA ASP A 56 -0.62 12.64 -12.06
C ASP A 56 -1.66 12.86 -13.14
N ILE A 57 -2.73 13.58 -12.83
CA ILE A 57 -3.75 13.85 -13.85
C ILE A 57 -3.91 15.36 -13.93
N ILE A 58 -3.88 15.91 -15.14
CA ILE A 58 -4.03 17.37 -15.24
C ILE A 58 -5.14 17.76 -16.19
N ALA A 59 -5.58 19.00 -16.07
CA ALA A 59 -6.64 19.49 -16.92
C ALA A 59 -6.15 19.46 -18.36
N ALA A 60 -6.99 19.00 -19.26
CA ALA A 60 -6.62 18.85 -20.66
C ALA A 60 -6.80 20.16 -21.43
N ASP A 61 -7.59 21.05 -20.85
CA ASP A 61 -7.84 22.37 -21.43
C ASP A 61 -8.55 23.17 -20.36
N ASP A 62 -8.96 24.40 -20.67
CA ASP A 62 -9.62 25.21 -19.65
C ASP A 62 -11.10 25.41 -19.95
N CYS A 63 -11.75 24.30 -20.31
CA CYS A 63 -13.16 24.31 -20.64
C CYS A 63 -14.02 23.47 -19.76
N ARG A 64 -15.27 23.88 -19.58
CA ARG A 64 -16.28 23.11 -18.87
C ARG A 64 -17.09 22.49 -20.03
N TYR A 65 -17.58 21.26 -19.89
CA TYR A 65 -18.33 20.65 -20.99
C TYR A 65 -19.75 20.29 -20.59
N LYS A 66 -20.56 19.99 -21.61
CA LYS A 66 -21.92 19.53 -21.41
C LYS A 66 -22.13 18.46 -22.47
N PHE A 67 -23.00 17.48 -22.21
CA PHE A 67 -23.27 16.40 -23.17
C PHE A 67 -24.66 16.71 -23.72
N HIS A 68 -24.71 17.16 -24.96
CA HIS A 68 -25.98 17.55 -25.53
C HIS A 68 -26.09 17.02 -26.94
N ASN A 69 -27.29 16.53 -27.28
CA ASN A 69 -27.54 15.98 -28.61
C ASN A 69 -26.60 14.83 -28.89
N SER A 70 -26.31 14.06 -27.84
CA SER A 70 -25.43 12.91 -27.94
C SER A 70 -23.97 13.25 -28.23
N ARG A 71 -23.54 14.46 -27.86
CA ARG A 71 -22.14 14.82 -28.06
C ARG A 71 -21.62 15.67 -26.92
N TRP A 72 -20.32 15.60 -26.71
CA TRP A 72 -19.67 16.42 -25.70
C TRP A 72 -19.31 17.70 -26.41
N MET A 73 -19.64 18.83 -25.81
CA MET A 73 -19.35 20.13 -26.41
C MET A 73 -18.90 21.04 -25.32
N VAL A 74 -18.01 21.98 -25.67
CA VAL A 74 -17.53 22.97 -24.69
C VAL A 74 -18.74 23.86 -24.41
N ALA A 75 -19.04 24.05 -23.11
CA ALA A 75 -20.17 24.89 -22.69
C ALA A 75 -19.69 26.24 -22.23
N GLY A 76 -18.43 26.33 -21.85
CA GLY A 76 -17.89 27.60 -21.40
C GLY A 76 -16.53 27.40 -20.77
N LYS A 77 -16.00 28.45 -20.14
CA LYS A 77 -14.71 28.39 -19.49
C LYS A 77 -14.81 27.48 -18.26
N ALA A 78 -13.68 26.87 -17.89
CA ALA A 78 -13.58 25.96 -16.76
C ALA A 78 -13.62 26.59 -15.37
N ASP A 79 -14.09 25.81 -14.42
CA ASP A 79 -14.09 26.23 -13.02
C ASP A 79 -12.60 26.22 -12.63
N PRO A 80 -12.26 26.75 -11.45
CA PRO A 80 -10.85 26.76 -11.00
C PRO A 80 -10.44 25.32 -10.73
N GLU A 81 -9.14 25.02 -10.87
CA GLU A 81 -8.66 23.66 -10.64
C GLU A 81 -7.81 23.50 -9.35
N MET A 82 -7.91 22.35 -8.66
CA MET A 82 -7.08 22.17 -7.45
C MET A 82 -5.76 21.57 -7.84
N PRO A 83 -4.76 21.67 -6.97
CA PRO A 83 -3.44 21.12 -7.26
C PRO A 83 -3.68 19.61 -7.38
N LYS A 84 -3.05 19.00 -8.37
CA LYS A 84 -3.24 17.57 -8.62
C LYS A 84 -2.25 16.69 -7.93
N ARG A 85 -2.75 15.72 -7.19
CA ARG A 85 -1.91 14.79 -6.49
C ARG A 85 -0.87 14.18 -7.43
N MET A 86 0.38 14.23 -7.03
CA MET A 86 1.39 13.58 -7.83
C MET A 86 1.67 12.30 -7.07
N TYR A 87 1.55 11.15 -7.72
CA TYR A 87 1.81 9.88 -7.07
C TYR A 87 3.19 9.39 -7.35
N ILE A 88 3.92 9.06 -6.29
CA ILE A 88 5.25 8.49 -6.42
C ILE A 88 4.95 7.00 -6.35
N HIS A 89 5.39 6.24 -7.34
CA HIS A 89 5.11 4.83 -7.29
C HIS A 89 5.86 4.26 -6.09
N PRO A 90 5.18 3.46 -5.26
CA PRO A 90 5.73 2.82 -4.06
C PRO A 90 7.07 2.09 -4.16
N ASP A 91 7.47 1.64 -5.34
CA ASP A 91 8.76 0.95 -5.42
C ASP A 91 9.92 1.93 -5.67
N SER A 92 9.62 3.22 -5.81
CA SER A 92 10.65 4.24 -6.08
C SER A 92 11.53 4.49 -4.87
N PRO A 93 12.85 4.62 -5.06
CA PRO A 93 13.55 4.52 -6.35
C PRO A 93 13.98 3.09 -6.64
N ALA A 94 14.04 2.72 -7.89
CA ALA A 94 14.45 1.38 -8.24
C ALA A 94 15.28 1.46 -9.50
N THR A 95 16.06 0.42 -9.77
CA THR A 95 16.91 0.40 -10.95
C THR A 95 16.08 0.22 -12.20
N GLY A 96 16.66 0.63 -13.32
CA GLY A 96 16.01 0.47 -14.61
C GLY A 96 15.54 -0.97 -14.77
N GLU A 97 16.42 -1.93 -14.46
CA GLU A 97 16.16 -3.37 -14.55
C GLU A 97 14.89 -3.76 -13.81
N GLN A 98 14.83 -3.32 -12.56
CA GLN A 98 13.69 -3.61 -11.72
C GLN A 98 12.40 -3.06 -12.33
N TRP A 99 12.41 -1.77 -12.69
CA TRP A 99 11.20 -1.17 -13.30
C TRP A 99 10.76 -1.89 -14.59
N MET A 100 11.70 -2.37 -15.38
CA MET A 100 11.34 -3.03 -16.63
C MET A 100 10.81 -4.45 -16.54
N SER A 101 10.78 -5.00 -15.34
CA SER A 101 10.31 -6.36 -15.18
C SER A 101 8.94 -6.43 -14.54
N LYS A 102 8.20 -5.33 -14.57
CA LYS A 102 6.88 -5.35 -13.97
C LYS A 102 5.94 -4.40 -14.70
N VAL A 103 4.64 -4.64 -14.66
CA VAL A 103 3.70 -3.70 -15.31
C VAL A 103 3.60 -2.61 -14.27
N VAL A 104 3.68 -1.34 -14.69
CA VAL A 104 3.64 -0.25 -13.72
C VAL A 104 2.25 0.33 -13.62
N THR A 105 1.72 0.35 -12.41
CA THR A 105 0.40 0.92 -12.18
C THR A 105 0.38 1.61 -10.81
N PHE A 106 -0.60 2.49 -10.64
CA PHE A 106 -0.71 3.25 -9.42
C PHE A 106 -1.96 2.89 -8.64
N HIS A 107 -1.86 1.84 -7.85
CA HIS A 107 -2.98 1.34 -7.05
C HIS A 107 -3.66 2.30 -6.09
N LYS A 108 -2.96 3.33 -5.63
CA LYS A 108 -3.52 4.28 -4.68
C LYS A 108 -4.41 5.34 -5.30
N LEU A 109 -4.37 5.45 -6.62
CA LEU A 109 -5.11 6.49 -7.34
C LEU A 109 -6.60 6.38 -7.19
N LYS A 110 -7.23 7.51 -6.83
CA LYS A 110 -8.67 7.57 -6.68
C LYS A 110 -9.09 8.97 -7.10
N LEU A 111 -10.26 9.10 -7.70
CA LEU A 111 -10.77 10.38 -8.16
C LEU A 111 -11.91 10.89 -7.29
N THR A 112 -11.83 12.15 -6.87
CA THR A 112 -12.89 12.70 -6.05
C THR A 112 -13.35 14.08 -6.54
N ASN A 113 -14.59 14.47 -6.20
CA ASN A 113 -15.05 15.85 -6.51
C ASN A 113 -15.05 16.73 -5.25
N ASN A 114 -14.55 16.21 -4.14
CA ASN A 114 -14.53 16.98 -2.87
C ASN A 114 -13.28 17.87 -2.82
N ILE A 115 -13.43 19.19 -2.99
CA ILE A 115 -12.24 20.02 -3.02
C ILE A 115 -11.48 20.14 -1.73
N SER A 116 -12.12 19.78 -0.61
CA SER A 116 -11.50 19.83 0.71
C SER A 116 -11.04 18.42 1.11
N ASP A 117 -10.94 17.51 0.15
CA ASP A 117 -10.52 16.15 0.49
C ASP A 117 -9.16 16.12 1.16
N LYS A 118 -9.04 15.28 2.17
CA LYS A 118 -7.79 15.19 2.92
C LYS A 118 -7.15 13.81 2.80
N HIS A 119 -7.65 12.97 1.91
CA HIS A 119 -7.13 11.62 1.71
C HIS A 119 -6.01 11.57 0.68
N GLY A 120 -5.73 12.69 0.04
CA GLY A 120 -4.68 12.70 -0.96
C GLY A 120 -5.25 12.18 -2.28
N PHE A 121 -6.57 12.16 -2.41
CA PHE A 121 -7.18 11.70 -3.68
C PHE A 121 -6.92 12.76 -4.74
N THR A 122 -7.11 12.38 -6.01
CA THR A 122 -6.98 13.33 -7.11
C THR A 122 -8.30 14.05 -7.18
N ILE A 123 -8.26 15.38 -7.03
CA ILE A 123 -9.48 16.17 -7.05
C ILE A 123 -9.78 16.76 -8.43
N LEU A 124 -10.98 16.50 -8.94
CA LEU A 124 -11.36 16.96 -10.27
C LEU A 124 -12.67 17.71 -10.25
N ASN A 125 -12.91 18.48 -11.31
CA ASN A 125 -14.16 19.19 -11.45
C ASN A 125 -15.00 18.29 -12.36
N SER A 126 -16.23 18.01 -11.97
CA SER A 126 -17.10 17.24 -12.81
C SER A 126 -17.37 18.04 -14.08
N MET A 127 -17.52 17.34 -15.21
CA MET A 127 -17.80 17.91 -16.53
C MET A 127 -16.62 18.69 -17.13
N HIS A 128 -15.42 18.37 -16.66
CA HIS A 128 -14.18 18.95 -17.18
C HIS A 128 -13.35 17.82 -17.75
N LYS A 129 -12.39 18.17 -18.60
CA LYS A 129 -11.57 17.17 -19.30
C LYS A 129 -10.15 17.07 -18.77
N TYR A 130 -9.71 15.83 -18.58
CA TYR A 130 -8.44 15.51 -17.98
C TYR A 130 -7.57 14.58 -18.76
N GLN A 131 -6.27 14.75 -18.54
CA GLN A 131 -5.25 13.94 -19.19
C GLN A 131 -4.30 13.31 -18.21
N PRO A 132 -4.32 11.97 -18.13
CA PRO A 132 -3.39 11.27 -17.23
C PRO A 132 -1.93 11.49 -17.78
N ARG A 133 -0.96 11.60 -16.89
CA ARG A 133 0.42 11.75 -17.35
C ARG A 133 1.29 10.82 -16.53
N PHE A 134 2.24 10.22 -17.21
CA PHE A 134 3.20 9.31 -16.58
C PHE A 134 4.56 10.01 -16.64
N HIS A 135 5.32 9.93 -15.55
CA HIS A 135 6.61 10.61 -15.45
C HIS A 135 7.77 9.70 -15.03
N ILE A 136 8.91 9.92 -15.67
CA ILE A 136 10.11 9.16 -15.31
C ILE A 136 11.16 10.19 -14.88
N VAL A 137 11.72 10.01 -13.68
CA VAL A 137 12.74 10.93 -13.22
C VAL A 137 13.97 10.10 -12.87
N ARG A 138 15.10 10.41 -13.48
CA ARG A 138 16.34 9.68 -13.19
C ARG A 138 16.99 10.33 -11.97
N ALA A 139 16.70 9.76 -10.80
CA ALA A 139 17.20 10.24 -9.52
C ALA A 139 17.05 9.15 -8.49
N ASN A 140 17.82 9.22 -7.41
CA ASN A 140 17.74 8.17 -6.39
C ASN A 140 17.29 8.69 -5.03
N ASP A 141 16.72 9.89 -5.00
CA ASP A 141 16.27 10.46 -3.76
C ASP A 141 14.97 11.23 -3.96
N ILE A 142 13.91 10.75 -3.33
CA ILE A 142 12.61 11.39 -3.44
C ILE A 142 12.68 12.88 -3.20
N LEU A 143 13.57 13.30 -2.29
CA LEU A 143 13.71 14.73 -2.00
C LEU A 143 14.35 15.48 -3.16
N LYS A 144 15.00 14.74 -4.06
CA LYS A 144 15.64 15.31 -5.25
C LYS A 144 14.65 15.65 -6.36
N LEU A 145 13.39 15.26 -6.17
CA LEU A 145 12.36 15.50 -7.16
C LEU A 145 12.07 16.96 -7.54
N PRO A 146 12.08 17.88 -6.56
CA PRO A 146 11.80 19.29 -6.86
C PRO A 146 12.93 19.99 -7.65
N TYR A 147 14.05 19.31 -7.80
CA TYR A 147 15.17 19.92 -8.51
C TYR A 147 15.57 19.06 -9.71
N SER A 148 14.75 18.07 -10.02
CA SER A 148 15.05 17.17 -11.13
C SER A 148 14.12 17.39 -12.32
N THR A 149 14.62 17.01 -13.49
CA THR A 149 13.86 17.12 -14.72
C THR A 149 12.96 15.90 -14.85
N PHE A 150 11.68 16.12 -15.18
CA PHE A 150 10.73 15.05 -15.36
C PHE A 150 10.60 14.76 -16.83
N ARG A 151 10.65 13.50 -17.21
CA ARG A 151 10.38 13.18 -18.63
C ARG A 151 8.89 12.79 -18.54
N THR A 152 8.04 13.51 -19.26
CA THR A 152 6.60 13.27 -19.17
C THR A 152 6.07 12.60 -20.43
N TYR A 153 5.38 11.48 -20.24
CA TYR A 153 4.81 10.65 -21.31
C TYR A 153 3.31 10.81 -21.39
N LEU A 154 2.83 11.37 -22.51
CA LEU A 154 1.41 11.61 -22.73
C LEU A 154 0.77 10.57 -23.64
N PHE A 155 -0.38 10.03 -23.23
CA PHE A 155 -1.13 9.05 -24.04
C PHE A 155 -2.50 9.69 -24.20
N PRO A 156 -2.72 10.44 -25.30
CA PRO A 156 -3.98 11.12 -25.56
C PRO A 156 -5.17 10.18 -25.59
N GLU A 157 -4.94 8.89 -25.85
CA GLU A 157 -6.08 7.99 -25.84
C GLU A 157 -6.61 7.70 -24.42
N THR A 158 -5.93 8.19 -23.40
CA THR A 158 -6.41 7.99 -22.00
C THR A 158 -7.10 9.26 -21.48
N GLU A 159 -7.30 10.25 -22.34
CA GLU A 159 -7.96 11.51 -21.96
C GLU A 159 -9.42 11.21 -21.57
N PHE A 160 -9.98 11.93 -20.60
CA PHE A 160 -11.40 11.61 -20.28
C PHE A 160 -12.12 12.79 -19.70
N ILE A 161 -13.46 12.72 -19.70
CA ILE A 161 -14.21 13.78 -19.05
C ILE A 161 -14.69 13.20 -17.70
N ALA A 162 -14.51 13.98 -16.65
CA ALA A 162 -14.91 13.52 -15.31
C ALA A 162 -16.40 13.76 -15.19
N VAL A 163 -17.13 12.85 -14.52
CA VAL A 163 -18.60 13.05 -14.38
C VAL A 163 -19.04 12.47 -13.04
N THR A 164 -20.24 12.85 -12.57
CA THR A 164 -20.75 12.24 -11.34
C THR A 164 -21.69 11.11 -11.71
N ALA A 165 -22.09 11.06 -12.98
CA ALA A 165 -22.94 9.97 -13.48
C ALA A 165 -22.73 9.89 -14.96
N TYR A 166 -22.67 8.68 -15.50
CA TYR A 166 -22.43 8.54 -16.93
C TYR A 166 -23.48 9.26 -17.81
N GLN A 167 -23.00 9.88 -18.88
CA GLN A 167 -23.86 10.62 -19.81
C GLN A 167 -24.18 9.78 -21.07
N ASN A 168 -23.14 9.23 -21.67
CA ASN A 168 -23.24 8.41 -22.85
C ASN A 168 -23.42 6.93 -22.46
N ASP A 169 -24.60 6.36 -22.73
CA ASP A 169 -24.89 4.95 -22.44
C ASP A 169 -23.91 3.96 -23.09
N LYS A 170 -23.29 4.34 -24.22
CA LYS A 170 -22.33 3.45 -24.90
C LYS A 170 -21.08 3.29 -24.01
N ILE A 171 -20.74 4.33 -23.24
CA ILE A 171 -19.60 4.26 -22.33
C ILE A 171 -20.00 3.34 -21.15
N THR A 172 -21.20 3.51 -20.65
CA THR A 172 -21.68 2.69 -19.54
C THR A 172 -21.65 1.21 -19.95
N GLN A 173 -22.05 0.92 -21.19
CA GLN A 173 -22.04 -0.48 -21.61
C GLN A 173 -20.60 -1.03 -21.68
N LEU A 174 -19.64 -0.22 -22.14
CA LEU A 174 -18.27 -0.72 -22.21
C LEU A 174 -17.72 -0.98 -20.81
N LYS A 175 -18.13 -0.15 -19.84
CA LYS A 175 -17.65 -0.31 -18.46
C LYS A 175 -18.24 -1.61 -17.91
N ILE A 176 -19.54 -1.81 -18.17
CA ILE A 176 -20.22 -3.01 -17.69
C ILE A 176 -19.60 -4.26 -18.34
N ASP A 177 -19.38 -4.23 -19.65
CA ASP A 177 -18.86 -5.42 -20.33
C ASP A 177 -17.40 -5.76 -20.09
N ASN A 178 -16.67 -4.82 -19.52
CA ASN A 178 -15.23 -5.02 -19.32
C ASN A 178 -14.68 -5.00 -17.89
N ASN A 179 -15.37 -4.36 -16.97
CA ASN A 179 -14.91 -4.29 -15.59
C ASN A 179 -15.56 -5.45 -14.83
N PRO A 180 -14.74 -6.37 -14.29
CA PRO A 180 -15.29 -7.52 -13.55
C PRO A 180 -16.22 -7.14 -12.41
N PHE A 181 -15.95 -6.01 -11.75
CA PHE A 181 -16.82 -5.55 -10.67
C PHE A 181 -18.22 -5.17 -11.08
N ALA A 182 -18.41 -4.89 -12.37
CA ALA A 182 -19.72 -4.50 -12.91
C ALA A 182 -20.39 -5.63 -13.65
N LYS A 183 -19.82 -6.84 -13.63
CA LYS A 183 -20.40 -7.91 -14.43
C LYS A 183 -21.83 -8.31 -14.08
N GLY A 184 -22.29 -7.91 -12.90
CA GLY A 184 -23.66 -8.19 -12.48
C GLY A 184 -24.68 -7.48 -13.35
N PHE A 185 -24.23 -6.48 -14.13
CA PHE A 185 -25.12 -5.76 -15.05
C PHE A 185 -25.05 -6.21 -16.50
N ARG A 186 -24.22 -7.21 -16.77
CA ARG A 186 -24.08 -7.75 -18.12
C ARG A 186 -25.34 -8.53 -18.52
N ASP A 187 -25.67 -8.45 -19.80
CA ASP A 187 -26.84 -9.13 -20.35
C ASP A 187 -26.52 -10.59 -20.46
N LYS B 2 15.16 18.03 19.09
CA LYS B 2 15.39 16.76 19.83
C LYS B 2 14.09 16.20 20.42
N ASP B 3 13.82 14.92 20.18
CA ASP B 3 12.59 14.31 20.70
C ASP B 3 12.67 13.50 22.00
N ASP B 4 11.57 12.82 22.32
CA ASP B 4 11.45 12.02 23.53
C ASP B 4 10.28 11.07 23.23
N PRO B 5 10.48 10.10 22.31
CA PRO B 5 9.40 9.17 21.98
C PRO B 5 8.88 8.25 23.08
N LYS B 6 7.58 8.01 23.03
CA LYS B 6 6.85 7.12 23.94
C LYS B 6 6.08 6.20 23.01
N VAL B 7 6.21 4.90 23.20
CA VAL B 7 5.49 3.96 22.32
C VAL B 7 4.52 3.15 23.16
N HIS B 8 3.25 3.25 22.77
CA HIS B 8 2.20 2.60 23.48
C HIS B 8 1.60 1.45 22.68
N LEU B 9 1.52 0.26 23.28
CA LEU B 9 0.91 -0.88 22.57
C LEU B 9 -0.61 -0.83 22.65
N GLU B 10 -1.25 -0.81 21.48
CA GLU B 10 -2.72 -0.81 21.41
C GLU B 10 -3.25 -2.21 21.72
N ALA B 11 -4.49 -2.27 22.17
CA ALA B 11 -5.18 -3.53 22.52
C ALA B 11 -4.36 -4.44 23.41
N LYS B 12 -3.67 -3.86 24.38
CA LYS B 12 -2.84 -4.67 25.25
C LYS B 12 -3.65 -5.67 26.04
N GLU B 13 -4.88 -5.34 26.38
CA GLU B 13 -5.68 -6.28 27.15
C GLU B 13 -5.88 -7.58 26.39
N LEU B 14 -6.06 -7.48 25.09
CA LEU B 14 -6.22 -8.67 24.26
C LEU B 14 -4.87 -9.38 24.14
N TRP B 15 -3.79 -8.63 23.94
CA TRP B 15 -2.47 -9.28 23.90
C TRP B 15 -2.21 -10.00 25.21
N ASP B 16 -2.60 -9.42 26.35
CA ASP B 16 -2.35 -10.13 27.61
C ASP B 16 -3.12 -11.44 27.73
N GLN B 17 -4.33 -11.48 27.20
CA GLN B 17 -5.13 -12.69 27.27
C GLN B 17 -4.46 -13.79 26.45
N PHE B 18 -3.95 -13.44 25.27
CA PHE B 18 -3.27 -14.45 24.47
C PHE B 18 -1.97 -14.85 25.21
N HIS B 19 -1.22 -13.86 25.65
CA HIS B 19 0.08 -14.15 26.25
C HIS B 19 0.02 -15.09 27.46
N LYS B 20 -1.00 -14.92 28.30
CA LYS B 20 -1.16 -15.76 29.48
C LYS B 20 -1.40 -17.21 29.08
N ARG B 21 -1.87 -17.45 27.85
CA ARG B 21 -2.13 -18.84 27.44
C ARG B 21 -1.02 -19.37 26.55
N GLY B 22 -0.10 -18.48 26.14
CA GLY B 22 1.02 -18.86 25.29
C GLY B 22 0.63 -18.61 23.84
N THR B 23 0.87 -17.40 23.37
CA THR B 23 0.46 -17.05 22.00
C THR B 23 1.07 -17.90 20.89
N GLU B 24 0.25 -18.22 19.89
CA GLU B 24 0.70 -19.00 18.74
C GLU B 24 0.25 -18.21 17.53
N MET B 25 1.05 -18.25 16.47
CA MET B 25 0.71 -17.59 15.22
C MET B 25 0.87 -18.61 14.14
N VAL B 26 -0.18 -18.80 13.32
CA VAL B 26 -0.13 -19.73 12.20
C VAL B 26 0.73 -19.08 11.10
N ILE B 27 1.53 -19.91 10.42
CA ILE B 27 2.36 -19.49 9.34
C ILE B 27 2.00 -20.39 8.18
N THR B 28 2.02 -19.85 6.94
CA THR B 28 1.63 -20.68 5.80
C THR B 28 2.50 -20.29 4.59
N LYS B 29 2.52 -21.13 3.56
CA LYS B 29 3.29 -20.78 2.38
C LYS B 29 2.84 -19.47 1.73
N SER B 30 1.54 -19.29 1.60
CA SER B 30 1.03 -18.11 0.95
C SER B 30 1.09 -16.83 1.79
N GLY B 31 1.36 -16.99 3.09
CA GLY B 31 1.53 -15.86 3.98
C GLY B 31 0.34 -15.64 4.88
N ARG B 32 0.57 -15.53 6.20
CA ARG B 32 -0.53 -15.38 7.15
C ARG B 32 -0.39 -14.09 7.98
N ARG B 33 -1.49 -13.37 8.13
CA ARG B 33 -1.49 -12.18 8.95
C ARG B 33 -1.32 -12.60 10.40
N MET B 34 -0.77 -11.73 11.22
CA MET B 34 -0.74 -11.99 12.65
C MET B 34 -2.10 -11.56 13.24
N PHE B 35 -2.55 -12.26 14.28
CA PHE B 35 -3.74 -11.83 15.02
C PHE B 35 -3.44 -12.23 16.47
N PRO B 36 -3.46 -11.27 17.37
CA PRO B 36 -3.75 -9.85 17.07
C PRO B 36 -2.70 -9.15 16.21
N PRO B 37 -3.11 -8.10 15.47
CA PRO B 37 -2.16 -7.36 14.66
C PRO B 37 -1.31 -6.52 15.63
N PHE B 38 -0.07 -6.24 15.25
CA PHE B 38 0.82 -5.39 16.05
C PHE B 38 0.53 -3.93 15.70
N LYS B 39 -0.05 -3.20 16.65
CA LYS B 39 -0.44 -1.80 16.46
C LYS B 39 0.05 -0.97 17.63
N VAL B 40 0.56 0.22 17.31
CA VAL B 40 1.02 1.11 18.38
C VAL B 40 0.63 2.55 18.13
N ARG B 41 0.78 3.35 19.19
CA ARG B 41 0.58 4.79 19.10
C ARG B 41 1.87 5.41 19.60
N CYS B 42 2.32 6.43 18.91
CA CYS B 42 3.52 7.17 19.30
C CYS B 42 3.15 8.55 19.83
N SER B 43 3.90 9.02 20.81
CA SER B 43 3.75 10.39 21.34
C SER B 43 5.20 10.89 21.47
N GLY B 44 5.41 12.17 21.73
CA GLY B 44 6.79 12.63 21.88
C GLY B 44 7.68 12.79 20.66
N LEU B 45 7.14 12.70 19.45
CA LEU B 45 8.00 12.91 18.28
C LEU B 45 8.07 14.41 17.98
N ASP B 46 9.08 14.81 17.21
CA ASP B 46 9.19 16.20 16.79
C ASP B 46 8.13 16.32 15.72
N LYS B 47 7.24 17.30 15.85
CA LYS B 47 6.16 17.45 14.88
C LYS B 47 6.55 17.65 13.42
N LYS B 48 7.62 18.40 13.19
CA LYS B 48 8.07 18.69 11.82
C LYS B 48 9.07 17.70 11.22
N ALA B 49 9.89 17.08 12.06
CA ALA B 49 10.90 16.14 11.60
C ALA B 49 10.26 14.98 10.86
N LYS B 50 11.00 14.44 9.88
CA LYS B 50 10.53 13.31 9.12
C LYS B 50 11.00 12.04 9.84
N TYR B 51 10.12 11.04 9.93
CA TYR B 51 10.51 9.78 10.54
C TYR B 51 10.10 8.64 9.67
N ILE B 52 10.84 7.55 9.80
CA ILE B 52 10.53 6.34 9.11
C ILE B 52 10.23 5.37 10.24
N LEU B 53 9.10 4.68 10.16
CA LEU B 53 8.71 3.70 11.19
C LEU B 53 8.74 2.32 10.56
N LEU B 54 9.23 1.36 11.33
CA LEU B 54 9.43 -0.01 10.88
C LEU B 54 9.11 -1.05 11.94
N MET B 55 9.06 -2.29 11.46
CA MET B 55 8.82 -3.44 12.30
C MET B 55 9.47 -4.68 11.73
N ASP B 56 9.95 -5.55 12.62
CA ASP B 56 10.49 -6.81 12.18
C ASP B 56 10.22 -7.80 13.31
N ILE B 57 10.46 -9.07 13.06
CA ILE B 57 10.23 -10.11 14.04
C ILE B 57 11.55 -10.86 14.16
N ILE B 58 12.03 -11.03 15.37
CA ILE B 58 13.29 -11.75 15.50
C ILE B 58 13.12 -12.92 16.46
N ALA B 59 14.06 -13.88 16.39
CA ALA B 59 14.00 -15.07 17.27
C ALA B 59 14.10 -14.56 18.69
N ALA B 60 13.27 -15.13 19.58
CA ALA B 60 13.23 -14.76 20.99
C ALA B 60 14.27 -15.51 21.79
N ASP B 61 14.83 -16.54 21.15
CA ASP B 61 15.85 -17.36 21.80
C ASP B 61 16.32 -18.36 20.79
N ASP B 62 17.23 -19.23 21.20
CA ASP B 62 17.72 -20.22 20.24
C ASP B 62 17.24 -21.62 20.57
N CYS B 63 15.94 -21.75 20.81
CA CYS B 63 15.30 -23.03 21.13
C CYS B 63 14.20 -23.47 20.17
N ARG B 64 13.98 -24.77 20.13
CA ARG B 64 12.92 -25.37 19.36
C ARG B 64 11.98 -25.86 20.45
N TYR B 65 10.66 -25.72 20.22
CA TYR B 65 9.66 -26.12 21.21
C TYR B 65 8.76 -27.30 20.81
N LYS B 66 8.09 -27.85 21.80
CA LYS B 66 7.16 -28.94 21.59
C LYS B 66 6.04 -28.69 22.59
N PHE B 67 4.80 -28.95 22.19
CA PHE B 67 3.67 -28.75 23.07
C PHE B 67 3.26 -30.14 23.55
N HIS B 68 3.49 -30.43 24.82
CA HIS B 68 3.13 -31.74 25.34
C HIS B 68 2.60 -31.67 26.75
N ASN B 69 1.56 -32.48 26.98
CA ASN B 69 0.87 -32.55 28.24
C ASN B 69 0.24 -31.19 28.51
N SER B 70 -0.13 -30.52 27.42
CA SER B 70 -0.77 -29.20 27.50
C SER B 70 0.17 -28.07 27.90
N ARG B 71 1.45 -28.22 27.61
CA ARG B 71 2.40 -27.17 27.99
C ARG B 71 3.48 -27.04 26.94
N TRP B 72 4.00 -25.84 26.75
CA TRP B 72 5.09 -25.63 25.82
C TRP B 72 6.39 -25.85 26.62
N MET B 73 7.33 -26.58 26.01
CA MET B 73 8.61 -26.90 26.67
C MET B 73 9.69 -26.89 25.63
N VAL B 74 10.89 -26.50 26.02
CA VAL B 74 12.03 -26.49 25.11
C VAL B 74 12.37 -27.96 24.76
N ALA B 75 12.47 -28.26 23.47
CA ALA B 75 12.77 -29.61 22.97
C ALA B 75 14.24 -29.75 22.59
N GLY B 76 14.86 -28.62 22.26
CA GLY B 76 16.26 -28.62 21.89
C GLY B 76 16.66 -27.30 21.28
N LYS B 77 17.86 -27.26 20.69
CA LYS B 77 18.38 -26.07 20.06
C LYS B 77 17.54 -25.73 18.81
N ALA B 78 17.46 -24.44 18.48
CA ALA B 78 16.72 -23.95 17.33
C ALA B 78 17.41 -24.33 16.01
N ASP B 79 16.61 -24.39 14.95
CA ASP B 79 17.08 -24.62 13.60
C ASP B 79 17.66 -23.26 13.15
N PRO B 80 18.44 -23.26 12.07
CA PRO B 80 18.99 -21.97 11.61
C PRO B 80 17.85 -20.99 11.21
N GLU B 81 18.07 -19.68 11.33
CA GLU B 81 17.02 -18.70 10.97
C GLU B 81 17.28 -17.97 9.67
N MET B 82 16.22 -17.48 9.01
CA MET B 82 16.44 -16.69 7.78
C MET B 82 16.47 -15.22 8.17
N PRO B 83 16.97 -14.35 7.27
CA PRO B 83 17.02 -12.91 7.54
C PRO B 83 15.55 -12.55 7.68
N LYS B 84 15.23 -11.46 8.37
CA LYS B 84 13.81 -11.12 8.55
C LYS B 84 13.35 -9.80 7.94
N ARG B 85 12.43 -9.89 6.99
CA ARG B 85 11.93 -8.72 6.34
C ARG B 85 11.79 -7.57 7.35
N MET B 86 12.45 -6.48 7.05
CA MET B 86 12.29 -5.33 7.89
C MET B 86 11.16 -4.62 7.15
N TYR B 87 10.03 -4.42 7.82
CA TYR B 87 8.92 -3.68 7.21
C TYR B 87 9.00 -2.21 7.42
N ILE B 88 9.00 -1.48 6.32
CA ILE B 88 8.97 -0.04 6.40
C ILE B 88 7.48 0.28 6.28
N HIS B 89 6.96 1.00 7.26
CA HIS B 89 5.54 1.33 7.23
C HIS B 89 5.29 2.10 5.93
N PRO B 90 4.28 1.69 5.16
CA PRO B 90 3.97 2.35 3.89
C PRO B 90 3.82 3.86 3.92
N ASP B 91 3.35 4.39 5.05
CA ASP B 91 3.18 5.82 5.14
C ASP B 91 4.53 6.53 5.23
N SER B 92 5.60 5.75 5.41
CA SER B 92 6.96 6.29 5.52
C SER B 92 7.47 6.77 4.15
N PRO B 93 8.20 7.89 4.14
CA PRO B 93 8.53 8.70 5.31
C PRO B 93 7.35 9.67 5.61
N ALA B 94 7.28 10.16 6.84
CA ALA B 94 6.20 11.08 7.23
C ALA B 94 6.61 11.95 8.40
N THR B 95 5.95 13.10 8.56
CA THR B 95 6.29 13.99 9.67
C THR B 95 5.89 13.39 11.02
N GLY B 96 6.53 13.85 12.08
CA GLY B 96 6.21 13.38 13.39
C GLY B 96 4.74 13.59 13.71
N GLU B 97 4.22 14.76 13.34
CA GLU B 97 2.81 15.09 13.58
C GLU B 97 1.88 14.11 12.88
N GLN B 98 2.24 13.76 11.65
CA GLN B 98 1.41 12.83 10.91
C GLN B 98 1.36 11.50 11.64
N TRP B 99 2.52 11.02 12.04
CA TRP B 99 2.62 9.75 12.74
C TRP B 99 1.84 9.72 14.05
N MET B 100 1.88 10.82 14.80
CA MET B 100 1.21 10.85 16.10
C MET B 100 -0.31 11.01 15.99
N SER B 101 -0.78 11.28 14.78
CA SER B 101 -2.19 11.51 14.53
C SER B 101 -3.00 10.27 14.16
N LYS B 102 -2.37 9.09 14.25
CA LYS B 102 -3.06 7.87 13.89
C LYS B 102 -2.43 6.66 14.56
N VAL B 103 -3.18 5.58 14.68
CA VAL B 103 -2.59 4.37 15.23
C VAL B 103 -1.68 3.84 14.10
N VAL B 104 -0.49 3.36 14.45
CA VAL B 104 0.45 2.85 13.46
C VAL B 104 0.21 1.35 13.38
N THR B 105 -0.33 0.89 12.27
CA THR B 105 -0.59 -0.54 12.17
C THR B 105 0.20 -1.20 11.05
N PHE B 106 0.60 -2.43 11.34
CA PHE B 106 1.34 -3.31 10.46
C PHE B 106 0.44 -4.59 10.37
N HIS B 107 -0.88 -4.41 10.36
CA HIS B 107 -1.75 -5.61 10.24
C HIS B 107 -1.54 -6.36 8.91
N LYS B 108 -0.90 -5.72 7.92
CA LYS B 108 -0.66 -6.35 6.59
C LYS B 108 0.62 -7.21 6.49
N LEU B 109 1.52 -7.05 7.43
CA LEU B 109 2.76 -7.85 7.49
C LEU B 109 2.26 -9.28 7.39
N LYS B 110 3.02 -10.20 6.77
CA LYS B 110 2.60 -11.59 6.71
C LYS B 110 3.72 -12.54 7.10
N LEU B 111 3.33 -13.68 7.66
CA LEU B 111 4.27 -14.71 8.15
C LEU B 111 4.22 -15.96 7.24
N THR B 112 5.39 -16.45 6.87
CA THR B 112 5.44 -17.62 6.03
C THR B 112 6.47 -18.64 6.53
N ASN B 113 6.31 -19.91 6.12
CA ASN B 113 7.32 -20.93 6.44
C ASN B 113 8.15 -21.27 5.17
N ASN B 114 7.87 -20.57 4.08
CA ASN B 114 8.58 -20.80 2.83
C ASN B 114 9.94 -20.06 2.80
N ILE B 115 11.05 -20.75 3.05
CA ILE B 115 12.33 -20.04 3.08
C ILE B 115 12.73 -19.44 1.74
N SER B 116 12.09 -19.90 0.68
CA SER B 116 12.37 -19.37 -0.65
C SER B 116 11.37 -18.26 -1.05
N ASP B 117 10.58 -17.77 -0.09
CA ASP B 117 9.59 -16.73 -0.40
C ASP B 117 10.18 -15.50 -1.06
N LYS B 118 9.51 -14.99 -2.09
CA LYS B 118 10.00 -13.82 -2.80
C LYS B 118 9.00 -12.66 -2.72
N HIS B 119 8.12 -12.68 -1.73
CA HIS B 119 7.13 -11.62 -1.56
C HIS B 119 7.51 -10.61 -0.50
N GLY B 120 8.58 -10.88 0.24
CA GLY B 120 8.95 -9.94 1.27
C GLY B 120 8.29 -10.29 2.58
N PHE B 121 7.68 -11.47 2.64
CA PHE B 121 7.02 -11.92 3.86
C PHE B 121 8.08 -12.21 4.91
N THR B 122 7.63 -12.26 6.15
CA THR B 122 8.53 -12.57 7.25
C THR B 122 8.64 -14.09 7.35
N ILE B 123 9.85 -14.63 7.15
CA ILE B 123 10.06 -16.07 7.20
C ILE B 123 10.41 -16.62 8.59
N LEU B 124 9.57 -17.55 9.08
CA LEU B 124 9.77 -18.15 10.40
C LEU B 124 9.89 -19.66 10.33
N ASN B 125 10.39 -20.24 11.41
CA ASN B 125 10.54 -21.68 11.56
C ASN B 125 9.40 -22.08 12.47
N SER B 126 8.66 -23.11 12.09
CA SER B 126 7.56 -23.59 12.89
C SER B 126 8.11 -24.15 14.21
N MET B 127 7.35 -23.96 15.28
CA MET B 127 7.71 -24.43 16.64
C MET B 127 8.92 -23.66 17.22
N HIS B 128 9.14 -22.45 16.76
CA HIS B 128 10.19 -21.58 17.29
C HIS B 128 9.50 -20.38 17.87
N LYS B 129 10.20 -19.67 18.75
CA LYS B 129 9.63 -18.53 19.45
C LYS B 129 10.16 -17.18 18.95
N TYR B 130 9.25 -16.23 18.78
CA TYR B 130 9.58 -14.97 18.18
C TYR B 130 9.12 -13.72 18.92
N GLN B 131 9.89 -12.66 18.74
CA GLN B 131 9.57 -11.36 19.32
C GLN B 131 9.40 -10.24 18.31
N PRO B 132 8.19 -9.68 18.19
CA PRO B 132 8.00 -8.54 17.26
C PRO B 132 8.80 -7.34 17.83
N ARG B 133 9.29 -6.48 16.94
CA ARG B 133 10.02 -5.28 17.33
C ARG B 133 9.55 -4.10 16.53
N PHE B 134 9.38 -2.96 17.21
CA PHE B 134 8.98 -1.73 16.52
C PHE B 134 10.23 -0.80 16.50
N HIS B 135 10.44 -0.08 15.41
CA HIS B 135 11.61 0.79 15.31
C HIS B 135 11.23 2.19 14.86
N ILE B 136 11.91 3.18 15.43
CA ILE B 136 11.67 4.57 15.05
C ILE B 136 13.00 5.09 14.52
N VAL B 137 12.96 5.61 13.30
CA VAL B 137 14.13 6.19 12.68
C VAL B 137 13.81 7.64 12.30
N ARG B 138 14.61 8.56 12.84
CA ARG B 138 14.47 9.98 12.54
C ARG B 138 15.38 10.20 11.34
N ALA B 139 14.81 10.05 10.15
CA ALA B 139 15.53 10.21 8.91
C ALA B 139 14.49 10.47 7.84
N ASN B 140 14.82 11.36 6.94
CA ASN B 140 13.89 11.76 5.90
C ASN B 140 13.97 11.07 4.54
N ASP B 141 14.68 9.93 4.46
CA ASP B 141 14.88 9.17 3.20
C ASP B 141 15.09 7.67 3.46
N ILE B 142 14.42 6.80 2.71
CA ILE B 142 14.56 5.36 2.92
C ILE B 142 15.98 4.82 2.67
N LEU B 143 16.71 5.43 1.74
CA LEU B 143 18.07 4.95 1.42
C LEU B 143 19.12 5.12 2.51
N LYS B 144 18.84 5.96 3.50
CA LYS B 144 19.78 6.17 4.58
C LYS B 144 19.48 5.33 5.82
N LEU B 145 18.71 4.25 5.63
CA LEU B 145 18.37 3.38 6.74
C LEU B 145 19.55 2.47 7.17
N PRO B 146 20.27 1.85 6.21
CA PRO B 146 21.38 1.01 6.66
C PRO B 146 22.42 1.77 7.49
N TYR B 147 22.37 3.10 7.46
CA TYR B 147 23.33 3.93 8.19
C TYR B 147 22.68 4.74 9.30
N SER B 148 21.36 4.78 9.32
CA SER B 148 20.66 5.54 10.34
C SER B 148 20.63 4.80 11.66
N THR B 149 20.41 5.54 12.74
CA THR B 149 20.33 4.97 14.07
C THR B 149 18.86 4.58 14.39
N PHE B 150 18.69 3.32 14.80
CA PHE B 150 17.38 2.78 15.15
C PHE B 150 17.11 2.80 16.63
N ARG B 151 15.91 3.23 17.01
CA ARG B 151 15.51 3.15 18.40
C ARG B 151 14.49 2.01 18.34
N THR B 152 14.76 0.97 19.11
CA THR B 152 13.94 -0.24 19.11
C THR B 152 13.12 -0.42 20.35
N TYR B 153 11.85 -0.69 20.12
CA TYR B 153 10.89 -0.85 21.19
C TYR B 153 10.35 -2.26 21.33
N LEU B 154 10.63 -2.86 22.47
CA LEU B 154 10.20 -4.23 22.74
C LEU B 154 8.97 -4.30 23.61
N PHE B 155 8.05 -5.18 23.23
CA PHE B 155 6.83 -5.46 23.95
C PHE B 155 6.81 -6.96 24.16
N PRO B 156 7.35 -7.43 25.30
CA PRO B 156 7.38 -8.88 25.58
C PRO B 156 6.04 -9.59 25.53
N GLU B 157 4.95 -8.86 25.79
CA GLU B 157 3.64 -9.48 25.76
C GLU B 157 3.16 -9.87 24.34
N THR B 158 3.92 -9.47 23.31
CA THR B 158 3.56 -9.86 21.91
C THR B 158 4.40 -11.04 21.42
N GLU B 159 5.21 -11.63 22.32
CA GLU B 159 6.04 -12.82 21.99
C GLU B 159 5.11 -14.01 21.62
N PHE B 160 5.49 -14.82 20.61
CA PHE B 160 4.63 -15.95 20.23
C PHE B 160 5.46 -17.09 19.68
N ILE B 161 4.85 -18.27 19.61
CA ILE B 161 5.50 -19.41 18.99
C ILE B 161 4.76 -19.57 17.62
N ALA B 162 5.55 -19.75 16.58
CA ALA B 162 5.02 -19.93 15.21
C ALA B 162 4.60 -21.38 15.06
N VAL B 163 3.46 -21.62 14.40
CA VAL B 163 2.98 -23.03 14.20
C VAL B 163 2.34 -23.12 12.83
N THR B 164 2.14 -24.35 12.33
CA THR B 164 1.39 -24.47 11.06
C THR B 164 -0.07 -24.81 11.36
N ALA B 165 -0.35 -25.20 12.62
CA ALA B 165 -1.71 -25.48 13.07
C ALA B 165 -1.72 -25.26 14.57
N TYR B 166 -2.77 -24.64 15.10
CA TYR B 166 -2.82 -24.40 16.57
C TYR B 166 -2.67 -25.66 17.38
N GLN B 167 -1.91 -25.53 18.47
CA GLN B 167 -1.67 -26.64 19.38
C GLN B 167 -2.62 -26.54 20.59
N ASN B 168 -2.73 -25.34 21.15
CA ASN B 168 -3.53 -25.11 22.35
C ASN B 168 -4.92 -24.63 21.97
N ASP B 169 -5.94 -25.46 22.18
CA ASP B 169 -7.33 -25.09 21.83
C ASP B 169 -7.83 -23.82 22.52
N LYS B 170 -7.20 -23.43 23.64
CA LYS B 170 -7.61 -22.21 24.31
C LYS B 170 -7.17 -21.00 23.46
N ILE B 171 -6.06 -21.13 22.72
CA ILE B 171 -5.61 -20.04 21.86
C ILE B 171 -6.57 -19.98 20.66
N THR B 172 -6.93 -21.14 20.12
CA THR B 172 -7.87 -21.16 18.93
C THR B 172 -9.19 -20.47 19.29
N GLN B 173 -9.70 -20.71 20.49
CA GLN B 173 -10.93 -20.08 20.92
C GLN B 173 -10.80 -18.55 21.02
N LEU B 174 -9.66 -18.05 21.50
CA LEU B 174 -9.48 -16.60 21.58
C LEU B 174 -9.42 -15.98 20.18
N LYS B 175 -8.81 -16.71 19.23
CA LYS B 175 -8.69 -16.19 17.84
C LYS B 175 -10.10 -16.11 17.28
N ILE B 176 -10.87 -17.18 17.49
CA ILE B 176 -12.22 -17.22 16.99
C ILE B 176 -13.08 -16.12 17.58
N ASP B 177 -13.02 -15.99 18.89
CA ASP B 177 -13.88 -15.01 19.55
C ASP B 177 -13.55 -13.53 19.34
N ASN B 178 -12.33 -13.26 18.88
CA ASN B 178 -11.87 -11.89 18.70
C ASN B 178 -11.54 -11.44 17.30
N ASN B 179 -11.23 -12.37 16.40
CA ASN B 179 -10.91 -11.92 15.03
C ASN B 179 -12.19 -11.96 14.19
N PRO B 180 -12.66 -10.81 13.66
CA PRO B 180 -13.89 -10.80 12.83
C PRO B 180 -13.88 -11.77 11.68
N PHE B 181 -12.71 -12.00 11.07
CA PHE B 181 -12.67 -12.94 9.94
C PHE B 181 -13.00 -14.37 10.35
N ALA B 182 -12.86 -14.67 11.63
CA ALA B 182 -13.13 -16.05 12.11
C ALA B 182 -14.50 -16.15 12.81
N LYS B 183 -15.36 -15.15 12.70
CA LYS B 183 -16.61 -15.20 13.49
C LYS B 183 -17.59 -16.29 13.13
N GLY B 184 -17.41 -16.87 11.97
CA GLY B 184 -18.25 -17.96 11.50
C GLY B 184 -18.13 -19.17 12.41
N PHE B 185 -17.02 -19.27 13.12
CA PHE B 185 -16.79 -20.38 14.04
C PHE B 185 -17.21 -20.08 15.48
N ARG B 186 -17.80 -18.92 15.72
CA ARG B 186 -18.27 -18.56 17.07
C ARG B 186 -19.48 -19.39 17.45
N ASP B 187 -19.61 -19.70 18.74
CA ASP B 187 -20.75 -20.51 19.20
C ASP B 187 -22.01 -19.76 18.83
MG MG E . -1.36 -6.41 -26.67
#